data_4U6C
#
_entry.id   4U6C
#
_cell.length_a   47.076
_cell.length_b   77.299
_cell.length_c   47.420
_cell.angle_alpha   90.00
_cell.angle_beta   91.38
_cell.angle_gamma   90.00
#
_symmetry.space_group_name_H-M   'P 1 21 1'
#
loop_
_entity.id
_entity.type
_entity.pdbx_description
1 polymer 'Methionine aminopeptidase 1'
2 non-polymer 'COBALT (II) ION'
3 non-polymer 'POTASSIUM ION'
4 non-polymer GLYCEROL
5 non-polymer '[(1R)-1-amino-3-cyclopentylpropyl]phosphonic acid'
6 water water
#
_entity_poly.entity_id   1
_entity_poly.type   'polypeptide(L)'
_entity_poly.pdbx_seq_one_letter_code
;YRYTGKLRPHYPLMPTRPVPSYIQRPDYADHPLGMSESEQALKGTSQIKLLSSEDIEGMRLVCRLAREVLDVAAGMIKPG
VTTEEIDHAVHLACIARNCYPSPLNYYNFPKSCCTSVNEVICHGIPDRRPLQEGDIVNVDITLYRNGYHGDLNETFFVGE
VDDGARKLVQTTYECLMQAIDAVKPGVRYRELGNIIQKHAQANGFSVVRSYCGHGIHKLFHTAPNVPHYAKNKAVGVMKS
GHVFTIEPMICEGGWQDETWPDGWTAVTRDGKRSAQFEHTLLVTDTGCEILTRRLDSARPHFMSQF
;
_entity_poly.pdbx_strand_id   A
#
loop_
_chem_comp.id
_chem_comp.type
_chem_comp.name
_chem_comp.formula
CO non-polymer 'COBALT (II) ION' 'Co 2'
GOL non-polymer GLYCEROL 'C3 H8 O3'
K non-polymer 'POTASSIUM ION' 'K 1'
Q06 non-polymer '[(1R)-1-amino-3-cyclopentylpropyl]phosphonic acid' 'C8 H18 N O3 P'
#
# COMPACT_ATOMS: atom_id res chain seq x y z
N TYR A 1 14.38 0.12 -23.08
CA TYR A 1 14.37 0.36 -21.60
C TYR A 1 15.60 -0.24 -20.92
N ARG A 2 16.35 0.60 -20.21
CA ARG A 2 17.45 0.16 -19.34
C ARG A 2 16.95 0.00 -17.89
N TYR A 3 16.89 -1.24 -17.44
CA TYR A 3 16.43 -1.53 -16.08
C TYR A 3 17.40 -0.94 -15.07
N THR A 4 16.92 -0.54 -13.90
CA THR A 4 17.78 0.16 -12.94
C THR A 4 18.60 -0.77 -12.03
N GLY A 5 18.25 -2.06 -12.01
CA GLY A 5 18.84 -3.03 -11.09
C GLY A 5 18.81 -4.39 -11.73
N LYS A 6 18.86 -5.41 -10.91
CA LYS A 6 18.92 -6.78 -11.36
C LYS A 6 17.58 -7.41 -11.72
N LEU A 7 16.49 -6.84 -11.19
CA LEU A 7 15.13 -7.41 -11.38
C LEU A 7 14.64 -7.19 -12.82
N ARG A 8 14.01 -8.19 -13.41
CA ARG A 8 13.35 -8.03 -14.73
C ARG A 8 11.91 -8.52 -14.59
N PRO A 9 10.95 -7.96 -15.38
CA PRO A 9 9.66 -8.68 -15.42
C PRO A 9 9.76 -10.15 -15.97
N HIS A 10 8.99 -11.04 -15.40
CA HIS A 10 8.91 -12.40 -15.87
C HIS A 10 7.56 -12.64 -16.48
N TYR A 11 7.47 -12.44 -17.80
CA TYR A 11 6.27 -12.71 -18.57
C TYR A 11 6.25 -14.15 -19.14
N PRO A 12 5.15 -14.57 -19.77
CA PRO A 12 3.88 -13.88 -19.82
C PRO A 12 3.17 -13.95 -18.47
N LEU A 13 2.16 -13.11 -18.31
CA LEU A 13 1.29 -13.22 -17.17
C LEU A 13 0.19 -14.19 -17.48
N MET A 14 -0.19 -14.97 -16.49
CA MET A 14 -1.36 -15.83 -16.56
C MET A 14 -2.56 -14.96 -16.89
N PRO A 15 -3.56 -15.52 -17.58
CA PRO A 15 -4.71 -14.69 -17.94
C PRO A 15 -5.45 -14.14 -16.75
N THR A 16 -5.94 -12.92 -16.96
CA THR A 16 -6.64 -12.16 -15.95
C THR A 16 -7.61 -13.06 -15.22
N ARG A 17 -7.64 -12.91 -13.91
CA ARG A 17 -8.50 -13.78 -13.12
C ARG A 17 -9.91 -13.15 -13.06
N PRO A 18 -10.96 -13.97 -13.30
CA PRO A 18 -12.29 -13.41 -13.30
C PRO A 18 -12.85 -13.30 -11.85
N VAL A 19 -13.71 -12.33 -11.61
CA VAL A 19 -14.37 -12.17 -10.32
C VAL A 19 -15.86 -12.58 -10.50
N PRO A 20 -16.35 -13.57 -9.72
CA PRO A 20 -17.79 -13.95 -9.86
C PRO A 20 -18.67 -12.74 -9.82
N SER A 21 -19.69 -12.74 -10.68
CA SER A 21 -20.61 -11.60 -10.82
C SER A 21 -21.35 -11.20 -9.58
N TYR A 22 -21.46 -12.10 -8.59
CA TYR A 22 -22.18 -11.73 -7.36
C TYR A 22 -21.40 -10.75 -6.46
N ILE A 23 -20.10 -10.60 -6.71
CA ILE A 23 -19.25 -9.66 -5.93
C ILE A 23 -19.54 -8.23 -6.34
N GLN A 24 -19.79 -7.38 -5.36
CA GLN A 24 -20.03 -6.03 -5.71
C GLN A 24 -18.74 -5.40 -6.26
N ARG A 25 -18.83 -4.77 -7.43
CA ARG A 25 -17.69 -4.08 -8.06
C ARG A 25 -17.70 -2.61 -7.82
N PRO A 26 -16.51 -1.96 -7.71
CA PRO A 26 -16.49 -0.52 -7.83
C PRO A 26 -16.61 -0.09 -9.30
N ASP A 27 -16.88 1.19 -9.49
CA ASP A 27 -17.25 1.75 -10.80
C ASP A 27 -16.23 1.49 -11.88
N TYR A 28 -14.96 1.46 -11.52
CA TYR A 28 -13.90 1.28 -12.54
C TYR A 28 -13.73 -0.18 -12.98
N ALA A 29 -14.28 -1.14 -12.21
CA ALA A 29 -14.03 -2.54 -12.44
C ALA A 29 -14.30 -2.95 -13.91
N ASP A 30 -15.35 -2.43 -14.50
CA ASP A 30 -15.67 -2.74 -15.90
C ASP A 30 -15.49 -1.58 -16.85
N HIS A 31 -14.94 -0.46 -16.39
CA HIS A 31 -14.58 0.59 -17.34
C HIS A 31 -13.45 0.04 -18.22
N PRO A 32 -13.40 0.40 -19.52
CA PRO A 32 -12.34 -0.24 -20.34
C PRO A 32 -10.90 0.29 -20.07
N LEU A 33 -10.76 1.49 -19.53
CA LEU A 33 -9.46 2.00 -19.14
C LEU A 33 -9.32 1.99 -17.63
N GLY A 34 -10.27 1.33 -16.96
CA GLY A 34 -10.25 1.20 -15.52
C GLY A 34 -10.34 2.54 -14.83
N MET A 35 -11.06 3.48 -15.45
CA MET A 35 -11.21 4.79 -14.84
C MET A 35 -12.38 4.79 -13.89
N SER A 36 -12.28 5.60 -12.86
CA SER A 36 -13.33 5.74 -11.88
C SER A 36 -14.03 7.10 -12.02
N GLU A 37 -15.25 7.08 -12.52
CA GLU A 37 -16.06 8.28 -12.63
C GLU A 37 -16.00 9.05 -11.33
N SER A 38 -16.35 8.36 -10.25
CA SER A 38 -16.50 9.01 -8.96
C SER A 38 -15.22 9.71 -8.47
N GLU A 39 -14.06 9.11 -8.76
CA GLU A 39 -12.79 9.70 -8.34
C GLU A 39 -12.43 10.92 -9.16
N GLN A 40 -12.63 10.81 -10.46
CA GLN A 40 -12.40 11.94 -11.32
C GLN A 40 -13.30 13.09 -11.00
N ALA A 41 -14.55 12.78 -10.65
CA ALA A 41 -15.54 13.77 -10.25
C ALA A 41 -15.07 14.63 -9.09
N LEU A 42 -14.18 14.11 -8.24
CA LEU A 42 -13.57 14.93 -7.16
C LEU A 42 -12.09 15.24 -7.31
N LYS A 43 -11.52 14.92 -8.46
CA LYS A 43 -10.12 15.18 -8.72
C LYS A 43 -9.83 16.66 -8.54
N GLY A 44 -8.70 16.94 -7.89
CA GLY A 44 -8.33 18.32 -7.56
C GLY A 44 -9.09 19.01 -6.42
N THR A 45 -10.07 18.31 -5.82
CA THR A 45 -10.74 18.68 -4.56
C THR A 45 -9.76 18.67 -3.37
N SER A 46 -9.94 19.60 -2.42
CA SER A 46 -9.16 19.65 -1.19
C SER A 46 -9.97 19.22 0.02
N GLN A 47 -11.28 19.21 -0.12
CA GLN A 47 -12.20 18.82 0.93
C GLN A 47 -12.18 17.33 1.30
N ILE A 48 -12.40 17.07 2.59
CA ILE A 48 -12.12 15.76 3.20
C ILE A 48 -13.39 15.24 3.88
N LYS A 49 -14.03 14.24 3.27
CA LYS A 49 -15.10 13.50 3.94
C LYS A 49 -14.96 13.31 5.46
N LEU A 50 -16.09 13.51 6.12
CA LEU A 50 -16.21 13.23 7.52
C LEU A 50 -17.14 12.05 7.51
N LEU A 51 -16.60 10.90 7.86
CA LEU A 51 -17.37 9.68 7.74
C LEU A 51 -18.48 9.59 8.79
N SER A 52 -19.65 9.13 8.37
CA SER A 52 -20.74 8.83 9.29
C SER A 52 -20.47 7.51 10.05
N SER A 53 -21.17 7.28 11.16
CA SER A 53 -21.07 6.00 11.87
C SER A 53 -21.32 4.74 11.04
N GLU A 54 -22.12 4.80 9.99
CA GLU A 54 -22.32 3.60 9.17
C GLU A 54 -21.09 3.44 8.23
N ASP A 55 -20.58 4.57 7.75
CA ASP A 55 -19.34 4.70 6.99
C ASP A 55 -18.24 4.04 7.82
N ILE A 56 -18.04 4.56 9.02
CA ILE A 56 -17.07 4.04 9.96
C ILE A 56 -17.23 2.50 10.12
N GLU A 57 -18.45 2.02 10.22
CA GLU A 57 -18.68 0.59 10.31
C GLU A 57 -18.24 -0.18 9.05
N GLY A 58 -18.57 0.32 7.88
CA GLY A 58 -18.16 -0.34 6.60
C GLY A 58 -16.62 -0.32 6.47
N MET A 59 -16.02 0.79 6.87
CA MET A 59 -14.59 0.92 6.86
C MET A 59 -13.92 -0.07 7.84
N ARG A 60 -14.39 -0.17 9.07
CA ARG A 60 -13.90 -1.21 9.96
C ARG A 60 -13.99 -2.58 9.41
N LEU A 61 -15.08 -2.94 8.78
CA LEU A 61 -15.22 -4.31 8.28
C LEU A 61 -14.23 -4.60 7.14
N VAL A 62 -14.20 -3.71 6.15
CA VAL A 62 -13.37 -3.98 4.96
C VAL A 62 -11.91 -3.92 5.32
N CYS A 63 -11.49 -3.00 6.20
CA CYS A 63 -10.06 -3.01 6.62
C CYS A 63 -9.69 -4.32 7.42
N ARG A 64 -10.65 -4.90 8.14
CA ARG A 64 -10.32 -6.12 8.91
C ARG A 64 -10.16 -7.29 7.92
N LEU A 65 -11.02 -7.28 6.94
CA LEU A 65 -10.97 -8.27 5.86
C LEU A 65 -9.70 -8.20 5.01
N ALA A 66 -9.23 -6.98 4.74
CA ALA A 66 -8.03 -6.77 3.99
C ALA A 66 -6.84 -7.28 4.83
N ARG A 67 -6.88 -7.01 6.13
CA ARG A 67 -5.85 -7.50 7.00
C ARG A 67 -5.85 -9.00 6.91
N GLU A 68 -7.01 -9.63 6.96
CA GLU A 68 -7.02 -11.10 6.86
C GLU A 68 -6.40 -11.59 5.55
N VAL A 69 -6.70 -10.92 4.44
CA VAL A 69 -6.08 -11.33 3.16
C VAL A 69 -4.60 -11.08 3.18
N LEU A 70 -4.09 -10.00 3.81
CA LEU A 70 -2.66 -9.82 3.85
C LEU A 70 -1.97 -10.95 4.63
N ASP A 71 -2.60 -11.36 5.69
CA ASP A 71 -2.06 -12.41 6.54
C ASP A 71 -2.02 -13.74 5.77
N VAL A 72 -2.99 -14.00 4.89
CA VAL A 72 -2.88 -15.15 4.02
C VAL A 72 -1.63 -15.06 3.18
N ALA A 73 -1.32 -13.87 2.63
CA ALA A 73 -0.14 -13.73 1.80
C ALA A 73 1.15 -13.89 2.52
N ALA A 74 1.27 -13.29 3.69
CA ALA A 74 2.39 -13.43 4.58
C ALA A 74 2.76 -14.93 4.75
N GLY A 75 1.76 -15.78 4.89
CA GLY A 75 1.93 -17.22 5.10
C GLY A 75 2.54 -17.96 3.92
N MET A 76 2.62 -17.31 2.77
CA MET A 76 3.24 -17.89 1.58
C MET A 76 4.58 -17.32 1.21
N ILE A 77 5.06 -16.34 1.95
CA ILE A 77 6.35 -15.76 1.62
C ILE A 77 7.44 -16.77 1.92
N LYS A 78 7.95 -17.44 0.90
CA LYS A 78 9.12 -18.28 1.09
C LYS A 78 9.85 -18.36 -0.23
N PRO A 79 11.15 -18.74 -0.20
CA PRO A 79 11.91 -18.80 -1.44
C PRO A 79 11.24 -19.72 -2.45
N GLY A 80 11.29 -19.36 -3.73
CA GLY A 80 10.75 -20.28 -4.75
C GLY A 80 9.28 -20.07 -5.05
N VAL A 81 8.52 -19.46 -4.14
CA VAL A 81 7.12 -19.07 -4.48
C VAL A 81 7.09 -17.85 -5.46
N THR A 82 6.23 -17.91 -6.49
CA THR A 82 6.16 -16.75 -7.45
C THR A 82 5.20 -15.68 -6.93
N THR A 83 5.42 -14.44 -7.35
CA THR A 83 4.55 -13.37 -6.87
C THR A 83 3.18 -13.61 -7.48
N GLU A 84 3.13 -14.17 -8.69
CA GLU A 84 1.88 -14.54 -9.27
C GLU A 84 1.08 -15.54 -8.42
N GLU A 85 1.77 -16.49 -7.79
CA GLU A 85 1.12 -17.48 -6.92
C GLU A 85 0.57 -16.77 -5.70
N ILE A 86 1.36 -15.83 -5.19
CA ILE A 86 0.86 -15.02 -4.08
C ILE A 86 -0.45 -14.37 -4.45
N ASP A 87 -0.49 -13.79 -5.67
CA ASP A 87 -1.67 -13.02 -6.14
C ASP A 87 -2.87 -13.94 -6.32
N HIS A 88 -2.65 -15.12 -6.89
CA HIS A 88 -3.77 -16.08 -7.09
C HIS A 88 -4.45 -16.36 -5.75
N ALA A 89 -3.63 -16.62 -4.76
CA ALA A 89 -4.09 -16.83 -3.37
C ALA A 89 -4.83 -15.64 -2.82
N VAL A 90 -4.30 -14.44 -3.13
CA VAL A 90 -4.92 -13.24 -2.58
C VAL A 90 -6.28 -13.08 -3.24
N HIS A 91 -6.32 -13.31 -4.54
CA HIS A 91 -7.50 -13.15 -5.32
C HIS A 91 -8.62 -14.07 -4.81
N LEU A 92 -8.27 -15.33 -4.56
CA LEU A 92 -9.26 -16.27 -3.96
C LEU A 92 -9.66 -15.86 -2.57
N ALA A 93 -8.69 -15.43 -1.77
CA ALA A 93 -9.02 -15.01 -0.43
C ALA A 93 -9.95 -13.78 -0.38
N CYS A 94 -9.80 -12.82 -1.32
CA CYS A 94 -10.79 -11.73 -1.41
C CYS A 94 -12.19 -12.25 -1.74
N ILE A 95 -12.23 -13.07 -2.79
CA ILE A 95 -13.54 -13.66 -3.23
C ILE A 95 -14.22 -14.45 -2.06
N ALA A 96 -13.41 -15.18 -1.32
CA ALA A 96 -13.94 -16.02 -0.23
C ALA A 96 -14.53 -15.11 0.85
N ARG A 97 -14.03 -13.87 0.94
CA ARG A 97 -14.55 -12.90 1.89
C ARG A 97 -15.55 -12.03 1.33
N ASN A 98 -15.97 -12.37 0.12
CA ASN A 98 -17.01 -11.60 -0.56
C ASN A 98 -16.61 -10.19 -0.84
N CYS A 99 -15.37 -10.06 -1.28
CA CYS A 99 -14.89 -8.71 -1.55
C CYS A 99 -14.31 -8.65 -2.97
N TYR A 100 -14.36 -7.48 -3.57
CA TYR A 100 -13.61 -7.28 -4.81
C TYR A 100 -12.15 -6.85 -4.49
N PRO A 101 -11.14 -7.43 -5.19
CA PRO A 101 -9.77 -6.97 -5.11
C PRO A 101 -9.60 -5.65 -5.80
N SER A 102 -9.62 -4.59 -4.99
CA SER A 102 -9.59 -3.22 -5.50
C SER A 102 -8.58 -2.95 -6.60
N PRO A 103 -7.33 -3.44 -6.50
CA PRO A 103 -6.36 -3.15 -7.56
C PRO A 103 -6.74 -3.65 -8.97
N LEU A 104 -7.59 -4.67 -9.04
CA LEU A 104 -7.91 -5.33 -10.34
C LEU A 104 -8.62 -4.33 -11.28
N ASN A 105 -7.97 -4.07 -12.39
CA ASN A 105 -8.42 -3.11 -13.39
C ASN A 105 -8.55 -1.70 -12.90
N TYR A 106 -7.93 -1.38 -11.76
CA TYR A 106 -7.82 0.02 -11.38
C TYR A 106 -6.83 0.66 -12.34
N TYR A 107 -7.37 1.55 -13.14
CA TYR A 107 -6.63 2.14 -14.25
C TYR A 107 -5.83 1.09 -15.01
N ASN A 108 -6.52 -0.01 -15.29
CA ASN A 108 -6.00 -1.16 -16.00
C ASN A 108 -4.90 -1.95 -15.31
N PHE A 109 -4.73 -1.77 -14.01
CA PHE A 109 -3.75 -2.56 -13.31
C PHE A 109 -4.27 -4.01 -13.45
N PRO A 110 -3.41 -4.91 -13.87
CA PRO A 110 -3.87 -6.22 -14.39
C PRO A 110 -3.97 -7.37 -13.32
N LYS A 111 -3.65 -7.07 -12.06
CA LYS A 111 -3.59 -8.09 -10.97
C LYS A 111 -4.38 -7.63 -9.80
N SER A 112 -4.44 -8.46 -8.76
CA SER A 112 -5.37 -8.26 -7.62
C SER A 112 -4.68 -7.73 -6.35
N CYS A 113 -3.34 -7.68 -6.37
CA CYS A 113 -2.51 -7.04 -5.35
C CYS A 113 -1.23 -6.57 -6.05
N CYS A 114 -0.44 -5.77 -5.38
CA CYS A 114 0.91 -5.44 -5.82
C CYS A 114 1.94 -6.19 -5.01
N THR A 115 2.93 -6.72 -5.70
CA THR A 115 4.06 -7.36 -5.06
C THR A 115 5.34 -6.67 -5.52
N SER A 116 6.07 -6.09 -4.58
CA SER A 116 7.14 -5.14 -4.89
C SER A 116 8.41 -5.60 -4.28
N VAL A 117 9.25 -6.23 -5.11
CA VAL A 117 10.53 -6.85 -4.66
C VAL A 117 11.72 -5.93 -4.71
N ASN A 118 12.51 -5.91 -3.63
CA ASN A 118 13.83 -5.24 -3.63
C ASN A 118 13.79 -3.75 -4.10
N GLU A 119 14.26 -3.47 -5.31
CA GLU A 119 14.33 -2.08 -5.87
C GLU A 119 13.01 -1.54 -6.37
N VAL A 120 11.97 -2.38 -6.42
CA VAL A 120 10.59 -1.85 -6.70
C VAL A 120 10.09 -1.09 -5.44
N ILE A 121 9.87 0.20 -5.65
CA ILE A 121 9.34 1.05 -4.63
C ILE A 121 7.88 0.66 -4.25
N CYS A 122 7.08 0.42 -5.28
CA CYS A 122 5.64 0.15 -5.16
C CYS A 122 4.99 -0.18 -6.50
N HIS A 123 3.77 -0.75 -6.40
CA HIS A 123 2.94 -1.10 -7.57
C HIS A 123 3.53 -2.14 -8.50
N GLY A 124 4.36 -2.99 -7.94
CA GLY A 124 4.85 -4.12 -8.70
C GLY A 124 3.75 -5.07 -9.12
N ILE A 125 3.83 -5.56 -10.35
CA ILE A 125 2.86 -6.48 -10.89
C ILE A 125 3.29 -7.93 -10.66
N PRO A 126 2.48 -8.69 -9.94
CA PRO A 126 2.80 -10.11 -9.71
C PRO A 126 3.17 -10.86 -10.96
N ASP A 127 4.24 -11.66 -10.94
CA ASP A 127 4.65 -12.29 -12.23
C ASP A 127 5.31 -13.66 -12.01
N ARG A 128 5.94 -14.20 -13.05
CA ARG A 128 6.49 -15.58 -13.00
C ARG A 128 7.72 -15.81 -12.13
N ARG A 129 8.34 -14.73 -11.64
CA ARG A 129 9.61 -14.82 -10.92
C ARG A 129 9.43 -15.47 -9.58
N PRO A 130 10.21 -16.51 -9.31
CA PRO A 130 10.17 -17.04 -7.95
C PRO A 130 10.99 -16.21 -7.00
N LEU A 131 10.46 -16.10 -5.78
CA LEU A 131 11.13 -15.39 -4.69
C LEU A 131 12.43 -16.09 -4.33
N GLN A 132 13.45 -15.28 -4.12
CA GLN A 132 14.76 -15.73 -3.78
C GLN A 132 15.12 -15.36 -2.37
N GLU A 133 15.71 -16.32 -1.67
CA GLU A 133 16.29 -16.07 -0.38
C GLU A 133 17.12 -14.82 -0.44
N GLY A 134 16.91 -13.92 0.51
CA GLY A 134 17.62 -12.62 0.48
C GLY A 134 16.80 -11.45 0.00
N ASP A 135 15.82 -11.73 -0.86
CA ASP A 135 14.87 -10.68 -1.30
C ASP A 135 14.09 -10.12 -0.10
N ILE A 136 13.70 -8.88 -0.26
CA ILE A 136 12.55 -8.30 0.48
C ILE A 136 11.42 -8.06 -0.49
N VAL A 137 10.21 -8.27 0.02
CA VAL A 137 9.00 -8.20 -0.76
C VAL A 137 7.85 -7.61 0.05
N ASN A 138 7.33 -6.51 -0.51
CA ASN A 138 6.08 -5.94 -0.13
C ASN A 138 4.90 -6.47 -0.88
N VAL A 139 3.88 -6.78 -0.11
CA VAL A 139 2.60 -7.13 -0.65
C VAL A 139 1.59 -6.11 -0.20
N ASP A 140 0.98 -5.53 -1.20
CA ASP A 140 -0.02 -4.52 -0.98
C ASP A 140 -1.40 -4.99 -1.39
N ILE A 141 -2.30 -4.89 -0.42
CA ILE A 141 -3.62 -5.44 -0.48
C ILE A 141 -4.58 -4.29 -0.38
N THR A 142 -5.54 -4.29 -1.29
CA THR A 142 -6.75 -3.48 -1.14
C THR A 142 -8.04 -4.22 -1.49
N LEU A 143 -9.00 -4.20 -0.56
CA LEU A 143 -10.31 -4.81 -0.77
C LEU A 143 -11.42 -3.81 -0.82
N TYR A 144 -12.45 -4.21 -1.55
CA TYR A 144 -13.68 -3.46 -1.70
C TYR A 144 -14.92 -4.27 -1.29
N ARG A 145 -15.62 -3.75 -0.32
CA ARG A 145 -16.83 -4.34 0.20
C ARG A 145 -17.84 -3.29 0.53
N ASN A 146 -19.01 -3.43 -0.09
CA ASN A 146 -20.15 -2.66 0.25
C ASN A 146 -19.94 -1.18 0.06
N GLY A 147 -19.23 -0.78 -0.98
CA GLY A 147 -18.99 0.61 -1.24
C GLY A 147 -17.72 1.20 -0.62
N TYR A 148 -17.01 0.41 0.16
CA TYR A 148 -15.85 0.86 0.91
C TYR A 148 -14.57 0.12 0.59
N HIS A 149 -13.48 0.85 0.54
CA HIS A 149 -12.15 0.29 0.31
C HIS A 149 -11.30 0.26 1.57
N GLY A 150 -10.51 -0.79 1.70
CA GLY A 150 -9.48 -0.84 2.77
C GLY A 150 -8.12 -1.32 2.28
N ASP A 151 -7.09 -0.59 2.66
CA ASP A 151 -5.76 -0.61 2.00
C ASP A 151 -4.64 -0.79 3.01
N LEU A 152 -3.81 -1.80 2.79
CA LEU A 152 -2.68 -1.96 3.62
C LEU A 152 -1.55 -2.70 2.95
N ASN A 153 -0.35 -2.44 3.43
CA ASN A 153 0.76 -3.28 3.03
C ASN A 153 1.81 -3.49 4.09
N GLU A 154 2.59 -4.55 3.88
CA GLU A 154 3.81 -4.73 4.66
C GLU A 154 4.93 -5.24 3.80
N THR A 155 6.16 -4.97 4.24
CA THR A 155 7.36 -5.52 3.65
C THR A 155 7.76 -6.82 4.42
N PHE A 156 8.13 -7.82 3.67
CA PHE A 156 8.47 -9.15 4.21
C PHE A 156 9.91 -9.55 3.84
N PHE A 157 10.51 -10.43 4.68
CA PHE A 157 11.80 -11.06 4.41
C PHE A 157 11.60 -12.43 3.74
N VAL A 158 12.44 -12.70 2.74
CA VAL A 158 12.38 -14.02 2.05
C VAL A 158 13.55 -14.85 2.58
N GLY A 159 13.26 -15.88 3.38
CA GLY A 159 14.29 -16.50 4.22
C GLY A 159 15.17 -15.45 4.85
N GLU A 160 16.48 -15.67 4.83
CA GLU A 160 17.40 -14.82 5.54
C GLU A 160 17.95 -13.69 4.69
N VAL A 161 18.11 -12.52 5.29
CA VAL A 161 18.41 -11.32 4.53
C VAL A 161 19.54 -10.65 5.17
N ASP A 162 20.15 -9.74 4.45
CA ASP A 162 21.31 -9.10 4.99
C ASP A 162 20.94 -8.00 5.96
N ASP A 163 21.87 -7.71 6.85
CA ASP A 163 21.71 -6.64 7.82
C ASP A 163 21.18 -5.33 7.26
N GLY A 164 21.57 -4.99 6.02
CA GLY A 164 21.10 -3.74 5.42
C GLY A 164 19.61 -3.84 5.10
N ALA A 165 19.15 -5.06 4.79
CA ALA A 165 17.77 -5.33 4.49
C ALA A 165 17.00 -5.12 5.79
N ARG A 166 17.44 -5.82 6.84
CA ARG A 166 16.87 -5.69 8.20
C ARG A 166 16.77 -4.25 8.63
N LYS A 167 17.84 -3.51 8.42
CA LYS A 167 17.87 -2.13 8.84
C LYS A 167 16.85 -1.26 8.09
N LEU A 168 16.70 -1.51 6.79
CA LEU A 168 15.80 -0.70 5.95
C LEU A 168 14.35 -0.97 6.38
N VAL A 169 14.05 -2.24 6.57
CA VAL A 169 12.69 -2.68 6.90
C VAL A 169 12.22 -2.17 8.27
N GLN A 170 13.00 -2.47 9.31
CA GLN A 170 12.70 -1.98 10.66
C GLN A 170 12.57 -0.47 10.62
N THR A 171 13.51 0.18 9.98
CA THR A 171 13.46 1.64 9.95
C THR A 171 12.17 2.16 9.33
N THR A 172 11.82 1.62 8.15
CA THR A 172 10.56 2.00 7.47
C THR A 172 9.33 1.87 8.39
N TYR A 173 9.21 0.75 9.10
CA TYR A 173 8.09 0.48 9.96
C TYR A 173 8.07 1.52 11.08
N GLU A 174 9.25 1.79 11.62
CA GLU A 174 9.45 2.78 12.67
C GLU A 174 9.00 4.14 12.12
N CYS A 175 9.39 4.46 10.88
CA CYS A 175 8.84 5.70 10.24
C CYS A 175 7.32 5.74 10.27
N LEU A 176 6.65 4.63 9.87
CA LEU A 176 5.23 4.62 9.77
C LEU A 176 4.60 4.83 11.18
N MET A 177 5.08 4.06 12.16
CA MET A 177 4.52 4.05 13.50
C MET A 177 4.77 5.42 14.17
N GLN A 178 5.93 6.02 13.97
CA GLN A 178 6.15 7.35 14.50
C GLN A 178 5.19 8.34 13.90
N ALA A 179 4.85 8.23 12.60
CA ALA A 179 3.83 9.09 12.01
C ALA A 179 2.40 8.89 12.53
N ILE A 180 1.97 7.64 12.63
CA ILE A 180 0.69 7.28 13.19
C ILE A 180 0.49 7.83 14.60
N ASP A 181 1.53 7.72 15.39
CA ASP A 181 1.60 8.21 16.77
C ASP A 181 1.26 9.72 16.82
N ALA A 182 1.58 10.48 15.77
CA ALA A 182 1.26 11.93 15.76
C ALA A 182 -0.14 12.21 15.31
N VAL A 183 -0.88 11.19 14.87
CA VAL A 183 -2.18 11.40 14.31
C VAL A 183 -3.24 11.63 15.41
N LYS A 184 -3.87 12.78 15.32
CA LYS A 184 -4.98 13.16 16.22
C LYS A 184 -5.57 14.45 15.66
N PRO A 185 -6.81 14.78 16.05
CA PRO A 185 -7.43 16.01 15.62
C PRO A 185 -6.55 17.24 15.85
N GLY A 186 -6.54 18.13 14.86
CA GLY A 186 -5.78 19.35 14.97
C GLY A 186 -4.43 19.31 14.35
N VAL A 187 -3.94 18.09 14.04
CA VAL A 187 -2.63 17.98 13.38
C VAL A 187 -2.76 18.20 11.85
N ARG A 188 -1.80 18.94 11.33
CA ARG A 188 -1.77 19.25 9.92
C ARG A 188 -1.25 18.00 9.17
N TYR A 189 -1.87 17.72 8.04
CA TYR A 189 -1.40 16.64 7.19
C TYR A 189 0.06 16.77 6.78
N ARG A 190 0.59 17.97 6.60
CA ARG A 190 1.99 18.11 6.16
C ARG A 190 3.04 17.78 7.23
N GLU A 191 2.63 17.66 8.49
CA GLU A 191 3.58 17.43 9.56
C GLU A 191 4.10 16.00 9.53
N LEU A 192 3.25 15.09 9.06
CA LEU A 192 3.61 13.65 8.92
C LEU A 192 4.91 13.42 8.17
N GLY A 193 5.12 14.09 7.02
CA GLY A 193 6.43 13.99 6.30
C GLY A 193 7.67 14.45 7.03
N ASN A 194 7.53 15.57 7.74
CA ASN A 194 8.60 15.95 8.63
C ASN A 194 8.96 14.86 9.59
N ILE A 195 7.99 14.22 10.20
CA ILE A 195 8.35 13.13 11.12
C ILE A 195 8.95 11.94 10.40
N ILE A 196 8.33 11.57 9.29
CA ILE A 196 8.91 10.44 8.52
C ILE A 196 10.35 10.66 8.08
N GLN A 197 10.60 11.78 7.39
CA GLN A 197 11.97 12.03 6.88
C GLN A 197 12.99 12.15 8.00
N LYS A 198 12.57 12.81 9.08
CA LYS A 198 13.51 13.01 10.21
C LYS A 198 14.05 11.66 10.62
N HIS A 199 13.19 10.65 10.80
CA HIS A 199 13.68 9.31 11.19
C HIS A 199 14.44 8.58 10.04
N ALA A 200 14.02 8.83 8.80
CA ALA A 200 14.63 8.09 7.66
C ALA A 200 16.08 8.55 7.45
N GLN A 201 16.22 9.87 7.39
CA GLN A 201 17.50 10.53 7.18
C GLN A 201 18.43 10.21 8.36
N ALA A 202 17.91 10.19 9.57
CA ALA A 202 18.73 9.83 10.70
C ALA A 202 19.33 8.45 10.51
N ASN A 203 18.69 7.56 9.76
CA ASN A 203 19.31 6.21 9.58
C ASN A 203 20.01 6.04 8.26
N GLY A 204 20.28 7.15 7.59
CA GLY A 204 21.03 7.11 6.37
C GLY A 204 20.18 6.62 5.19
N PHE A 205 18.84 6.81 5.28
CA PHE A 205 17.89 6.48 4.22
C PHE A 205 17.20 7.68 3.67
N SER A 206 16.84 7.56 2.40
CA SER A 206 16.05 8.57 1.68
C SER A 206 14.54 8.23 1.57
N VAL A 207 13.77 9.27 1.23
CA VAL A 207 12.31 9.24 1.22
C VAL A 207 11.71 9.49 -0.19
N VAL A 208 11.02 8.49 -0.72
CA VAL A 208 10.40 8.62 -2.02
C VAL A 208 9.38 9.73 -2.02
N ARG A 209 9.39 10.48 -3.10
CA ARG A 209 8.57 11.68 -3.25
C ARG A 209 7.39 11.63 -4.21
N SER A 210 7.38 10.78 -5.21
CA SER A 210 6.28 10.84 -6.18
C SER A 210 4.98 10.12 -5.78
N TYR A 211 5.04 9.42 -4.66
CA TYR A 211 3.93 8.65 -4.13
C TYR A 211 3.62 9.02 -2.68
N CYS A 212 2.35 9.22 -2.38
CA CYS A 212 1.83 9.77 -1.12
C CYS A 212 0.82 8.81 -0.49
N GLY A 213 0.58 9.01 0.81
CA GLY A 213 -0.58 8.53 1.46
C GLY A 213 -1.75 9.26 0.92
N HIS A 214 -2.92 8.75 1.21
CA HIS A 214 -4.15 9.28 0.58
C HIS A 214 -5.38 9.01 1.40
N GLY A 215 -6.36 9.89 1.26
CA GLY A 215 -7.66 9.48 1.69
C GLY A 215 -8.27 8.25 0.99
N ILE A 216 -9.11 7.59 1.76
CA ILE A 216 -9.75 6.42 1.30
C ILE A 216 -11.04 6.12 2.12
N HIS A 217 -12.08 5.75 1.39
CA HIS A 217 -13.35 5.33 1.93
C HIS A 217 -14.20 4.81 0.79
N LYS A 218 -15.15 5.59 0.33
CA LYS A 218 -15.96 5.16 -0.77
C LYS A 218 -15.15 5.30 -2.05
N LEU A 219 -14.12 6.11 -1.98
CA LEU A 219 -13.16 6.22 -3.03
C LEU A 219 -11.86 5.52 -2.62
N PHE A 220 -11.17 4.97 -3.62
CA PHE A 220 -9.87 4.34 -3.41
C PHE A 220 -8.79 5.36 -3.09
N HIS A 221 -8.69 6.45 -3.86
CA HIS A 221 -7.72 7.50 -3.55
C HIS A 221 -8.44 8.80 -3.71
N THR A 222 -8.35 9.61 -2.68
CA THR A 222 -8.99 10.95 -2.72
C THR A 222 -8.36 11.78 -1.64
N ALA A 223 -8.79 13.02 -1.45
CA ALA A 223 -8.17 13.90 -0.44
C ALA A 223 -8.28 13.27 0.95
N PRO A 224 -7.25 13.43 1.79
CA PRO A 224 -6.06 14.21 1.52
C PRO A 224 -4.97 13.47 0.86
N ASN A 225 -4.17 14.25 0.13
CA ASN A 225 -2.88 13.82 -0.31
C ASN A 225 -1.92 13.95 0.85
N VAL A 226 -1.16 12.89 1.13
CA VAL A 226 -0.25 12.90 2.28
C VAL A 226 1.18 12.50 1.91
N PRO A 227 2.03 13.51 1.59
CA PRO A 227 3.45 13.31 1.31
C PRO A 227 4.17 12.74 2.49
N HIS A 228 5.25 12.02 2.25
CA HIS A 228 6.00 11.34 3.35
C HIS A 228 7.34 12.04 3.67
N TYR A 229 7.62 13.13 2.92
CA TYR A 229 8.90 13.88 3.01
C TYR A 229 8.70 15.23 3.72
N ALA A 230 9.81 15.81 4.19
CA ALA A 230 9.77 17.02 5.02
C ALA A 230 9.43 18.24 4.17
N LYS A 231 8.82 19.22 4.82
CA LYS A 231 8.54 20.52 4.17
C LYS A 231 7.82 20.35 2.89
N ASN A 232 6.60 19.86 3.00
CA ASN A 232 5.71 19.65 1.87
C ASN A 232 4.49 20.52 2.03
N LYS A 233 3.75 20.63 0.96
CA LYS A 233 2.68 21.63 0.90
C LYS A 233 1.30 21.03 1.09
N ALA A 234 1.22 19.88 1.78
CA ALA A 234 -0.06 19.21 1.95
C ALA A 234 -1.00 20.19 2.61
N VAL A 235 -2.26 20.08 2.23
CA VAL A 235 -3.36 20.96 2.59
C VAL A 235 -4.30 20.22 3.51
N GLY A 236 -4.64 20.85 4.62
CA GLY A 236 -5.70 20.31 5.48
C GLY A 236 -5.27 19.94 6.87
N VAL A 237 -6.30 19.71 7.69
CA VAL A 237 -6.10 19.50 9.11
C VAL A 237 -6.85 18.26 9.58
N MET A 238 -6.22 17.45 10.37
CA MET A 238 -6.88 16.22 10.88
C MET A 238 -8.06 16.57 11.76
N LYS A 239 -9.12 15.82 11.56
CA LYS A 239 -10.39 15.99 12.24
C LYS A 239 -11.05 14.64 12.48
N SER A 240 -11.63 14.47 13.67
CA SER A 240 -12.30 13.21 14.03
C SER A 240 -13.27 12.77 12.95
N GLY A 241 -13.21 11.52 12.49
CA GLY A 241 -14.03 11.14 11.32
C GLY A 241 -13.31 11.21 9.96
N HIS A 242 -12.09 11.77 9.90
CA HIS A 242 -11.22 11.57 8.74
C HIS A 242 -10.68 10.14 8.64
N VAL A 243 -10.66 9.59 7.41
CA VAL A 243 -9.92 8.33 7.10
C VAL A 243 -8.94 8.45 5.92
N PHE A 244 -7.69 8.03 6.19
CA PHE A 244 -6.65 8.15 5.20
C PHE A 244 -5.54 7.14 5.51
N THR A 245 -4.66 6.96 4.57
CA THR A 245 -3.46 6.12 4.78
C THR A 245 -2.24 6.88 4.93
N ILE A 246 -1.30 6.27 5.63
CA ILE A 246 0.08 6.65 5.56
C ILE A 246 0.87 5.40 5.10
N GLU A 247 1.81 5.63 4.16
CA GLU A 247 2.50 4.52 3.51
C GLU A 247 3.90 4.88 3.02
N PRO A 248 4.75 5.32 3.95
CA PRO A 248 6.10 5.71 3.52
C PRO A 248 6.89 4.64 2.74
N MET A 249 7.51 5.10 1.68
CA MET A 249 8.52 4.36 0.93
C MET A 249 9.86 5.01 1.13
N ILE A 250 10.75 4.18 1.64
CA ILE A 250 12.05 4.58 2.16
C ILE A 250 13.10 3.82 1.40
N CYS A 251 14.19 4.52 1.06
CA CYS A 251 15.21 3.90 0.16
C CYS A 251 16.63 3.84 0.75
N GLU A 252 17.33 2.81 0.35
CA GLU A 252 18.75 2.62 0.62
C GLU A 252 19.62 3.74 0.07
N GLY A 253 19.42 4.05 -1.18
CA GLY A 253 20.19 5.04 -1.89
C GLY A 253 19.37 6.28 -2.00
N GLY A 254 19.30 6.79 -3.22
CA GLY A 254 18.49 7.99 -3.55
C GLY A 254 17.01 7.77 -3.56
N TRP A 255 16.28 8.88 -3.65
CA TRP A 255 14.87 8.88 -3.53
C TRP A 255 14.19 8.81 -4.90
N GLN A 256 14.99 8.85 -5.98
CA GLN A 256 14.38 9.19 -7.26
C GLN A 256 13.75 7.89 -7.79
N ASP A 257 12.59 8.02 -8.39
CA ASP A 257 11.85 6.90 -8.89
C ASP A 257 11.64 7.03 -10.39
N GLU A 258 11.42 5.91 -11.05
CA GLU A 258 10.92 5.93 -12.41
C GLU A 258 10.05 4.69 -12.59
N THR A 259 9.32 4.69 -13.71
CA THR A 259 8.36 3.62 -14.02
C THR A 259 8.77 2.71 -15.14
N TRP A 260 8.61 1.41 -14.91
CA TRP A 260 8.83 0.41 -15.96
C TRP A 260 7.92 0.61 -17.16
N PRO A 261 8.30 0.00 -18.30
CA PRO A 261 7.45 0.24 -19.48
C PRO A 261 6.04 -0.32 -19.26
N ASP A 262 5.80 -1.14 -18.22
CA ASP A 262 4.46 -1.63 -17.98
C ASP A 262 3.51 -0.57 -17.49
N GLY A 263 4.02 0.63 -17.18
CA GLY A 263 3.21 1.71 -16.79
C GLY A 263 2.89 1.70 -15.31
N TRP A 264 3.35 0.69 -14.58
CA TRP A 264 2.98 0.61 -13.16
C TRP A 264 4.15 0.47 -12.19
N THR A 265 5.11 -0.40 -12.52
CA THR A 265 6.17 -0.72 -11.63
C THR A 265 7.09 0.50 -11.40
N ALA A 266 7.19 0.93 -10.13
CA ALA A 266 8.00 2.11 -9.75
C ALA A 266 9.19 1.58 -9.09
N VAL A 267 10.37 1.93 -9.64
CA VAL A 267 11.63 1.40 -9.15
C VAL A 267 12.55 2.54 -8.70
N THR A 268 13.52 2.22 -7.84
CA THR A 268 14.61 3.24 -7.61
C THR A 268 15.38 3.48 -8.95
N ARG A 269 15.56 4.75 -9.34
CA ARG A 269 16.47 5.03 -10.49
C ARG A 269 17.92 4.47 -10.32
N ASP A 270 18.34 4.31 -9.07
CA ASP A 270 19.68 3.87 -8.72
C ASP A 270 19.75 2.36 -8.56
N GLY A 271 18.62 1.65 -8.63
CA GLY A 271 18.65 0.19 -8.49
C GLY A 271 18.80 -0.35 -7.07
N LYS A 272 18.83 0.55 -6.10
CA LYS A 272 18.92 0.16 -4.69
C LYS A 272 17.56 -0.18 -4.06
N ARG A 273 17.62 -0.75 -2.87
CA ARG A 273 16.39 -1.35 -2.30
C ARG A 273 15.47 -0.33 -1.62
N SER A 274 14.17 -0.62 -1.66
CA SER A 274 13.11 0.21 -1.04
C SER A 274 12.17 -0.71 -0.21
N ALA A 275 11.66 -0.15 0.90
CA ALA A 275 10.69 -0.80 1.73
C ALA A 275 9.54 0.15 2.03
N GLN A 276 8.37 -0.44 2.34
CA GLN A 276 7.15 0.33 2.59
C GLN A 276 6.31 -0.38 3.64
N PHE A 277 5.57 0.40 4.40
CA PHE A 277 4.43 -0.10 5.11
C PHE A 277 3.31 0.84 4.94
N GLU A 278 2.15 0.26 5.03
CA GLU A 278 0.86 1.00 4.94
C GLU A 278 -0.17 0.57 5.92
N HIS A 279 -0.84 1.57 6.55
CA HIS A 279 -2.09 1.40 7.23
C HIS A 279 -3.15 2.40 6.78
N THR A 280 -4.39 2.01 6.98
CA THR A 280 -5.60 2.87 6.78
C THR A 280 -5.99 3.31 8.17
N LEU A 281 -6.06 4.63 8.34
CA LEU A 281 -6.33 5.18 9.64
C LEU A 281 -7.63 5.96 9.73
N LEU A 282 -8.28 5.89 10.88
CA LEU A 282 -9.38 6.85 11.17
C LEU A 282 -9.01 7.72 12.35
N VAL A 283 -9.25 9.01 12.22
CA VAL A 283 -8.93 9.94 13.30
C VAL A 283 -10.12 9.92 14.26
N THR A 284 -9.85 9.76 15.53
CA THR A 284 -10.84 9.68 16.57
C THR A 284 -10.59 10.95 17.38
N ASP A 285 -11.26 11.12 18.51
CA ASP A 285 -11.04 12.33 19.33
C ASP A 285 -9.71 12.36 20.05
N THR A 286 -9.24 11.21 20.43
CA THR A 286 -8.05 11.10 21.26
C THR A 286 -6.78 10.81 20.42
N GLY A 287 -6.97 10.53 19.14
CA GLY A 287 -5.84 10.13 18.30
C GLY A 287 -6.35 9.36 17.11
N CYS A 288 -6.01 8.08 16.98
CA CYS A 288 -6.53 7.38 15.80
C CYS A 288 -6.70 5.92 15.94
N GLU A 289 -7.62 5.37 15.18
CA GLU A 289 -7.86 3.93 15.14
C GLU A 289 -7.14 3.38 13.92
N ILE A 290 -6.33 2.35 14.13
CA ILE A 290 -5.56 1.70 13.03
C ILE A 290 -6.40 0.57 12.50
N LEU A 291 -7.19 0.93 11.49
CA LEU A 291 -8.25 0.04 11.08
C LEU A 291 -7.72 -1.21 10.43
N THR A 292 -6.51 -1.16 9.90
CA THR A 292 -5.89 -2.35 9.26
C THR A 292 -4.93 -3.05 10.16
N ARG A 293 -4.95 -2.77 11.48
CA ARG A 293 -4.02 -3.44 12.40
C ARG A 293 -4.17 -4.99 12.37
N ARG A 294 -3.07 -5.66 12.62
CA ARG A 294 -3.03 -7.10 12.85
C ARG A 294 -3.72 -7.39 14.20
N LEU A 295 -4.48 -8.45 14.28
CA LEU A 295 -5.18 -8.73 15.55
C LEU A 295 -4.57 -9.87 16.38
N ASP A 296 -4.05 -10.88 15.69
CA ASP A 296 -3.48 -12.07 16.32
C ASP A 296 -2.02 -11.88 16.83
N SER A 297 -1.49 -10.64 16.70
CA SER A 297 -0.11 -10.35 17.07
C SER A 297 0.05 -8.85 17.25
N ALA A 298 0.93 -8.46 18.15
CA ALA A 298 1.20 -7.08 18.42
C ALA A 298 2.06 -6.44 17.33
N ARG A 299 2.71 -7.27 16.50
CA ARG A 299 3.76 -6.83 15.59
C ARG A 299 3.52 -7.24 14.13
N PRO A 300 4.14 -6.53 13.19
CA PRO A 300 4.16 -6.94 11.78
C PRO A 300 4.93 -8.24 11.56
N HIS A 301 4.74 -8.87 10.41
CA HIS A 301 5.24 -10.23 10.17
C HIS A 301 6.71 -10.40 10.18
N PHE A 302 7.43 -9.43 9.64
CA PHE A 302 8.88 -9.50 9.53
C PHE A 302 9.54 -9.62 10.90
N MET A 303 8.93 -9.06 11.95
CA MET A 303 9.57 -9.11 13.25
C MET A 303 8.81 -10.07 14.13
N SER A 304 8.20 -11.07 13.50
CA SER A 304 7.60 -12.18 14.23
C SER A 304 7.85 -13.37 13.35
CO CO B . -2.66 3.11 -0.52
CO CO C . -1.89 0.11 -0.79
K K D . 15.59 -3.85 -12.14
C1 GOL E . 8.45 -8.09 -7.91
O1 GOL E . 8.23 -6.69 -8.09
C2 GOL E . 8.20 -9.02 -9.12
O2 GOL E . 8.22 -10.49 -8.90
C3 GOL E . 6.86 -8.59 -9.65
O3 GOL E . 5.92 -8.63 -8.64
O2 Q06 F . -2.85 3.22 -2.80
P Q06 F . -1.56 2.32 -2.80
O Q06 F . -1.10 2.12 -1.46
O1 Q06 F . -0.38 3.00 -3.56
C Q06 F . -1.77 0.72 -3.57
N Q06 F . -2.72 -0.16 -2.91
C1 Q06 F . -2.12 1.48 -4.79
C2 Q06 F . -3.35 1.02 -5.37
C3 Q06 F . -2.95 0.00 -6.34
C7 Q06 F . -1.63 0.16 -7.07
C6 Q06 F . -1.84 -0.60 -8.35
C5 Q06 F . -3.34 -0.55 -8.60
C4 Q06 F . -3.96 0.20 -7.44
#